data_3RC5
#
_entry.id   3RC5
#
_cell.length_a   54.096
_cell.length_b   58.210
_cell.length_c   61.325
_cell.angle_alpha   90.000
_cell.angle_beta   90.000
_cell.angle_gamma   90.000
#
_symmetry.space_group_name_H-M   'P 21 21 21'
#
loop_
_entity.id
_entity.type
_entity.pdbx_description
1 polymer 'NS3/4A protease'
2 polymer 'Product MAVS'
3 non-polymer 'SULFATE ION'
4 non-polymer 'ZINC ION'
5 water water
#
loop_
_entity_poly.entity_id
_entity_poly.type
_entity_poly.pdbx_seq_one_letter_code
_entity_poly.pdbx_strand_id
1 'polypeptide(L)'
;GSHMASMKKKGSVVIVGRINLSGDTAYAQQTRGEEGCQETSQTGRDKNQVEGEVQIVSTATQTFLATSINGVLWTVYHGA
GTRTIASPKGPVTQMYTNVDKDLVGWQAPQGSRSLTPCTCGSSDLYLVTRHADVIPVRRRGDSRGSLLSPRPISYLKGSA
GGPLLCPAGHAVGIFRAAVSTRGVAKAVDFIPVESLETTMRSP
;
A
2 'polypeptide(L)' (ACE)QEREVPC B
#
loop_
_chem_comp.id
_chem_comp.type
_chem_comp.name
_chem_comp.formula
ACE non-polymer 'ACETYL GROUP' 'C2 H4 O'
SO4 non-polymer 'SULFATE ION' 'O4 S -2'
ZN non-polymer 'ZINC ION' 'Zn 2'
#
# COMPACT_ATOMS: atom_id res chain seq x y z
N MET A 4 32.50 1.98 12.66
CA MET A 4 32.22 1.35 11.33
C MET A 4 31.90 -0.13 11.45
N ALA A 5 32.71 -0.84 12.22
CA ALA A 5 32.58 -2.30 12.37
C ALA A 5 31.20 -2.73 12.82
N SER A 6 30.58 -1.94 13.69
CA SER A 6 29.29 -2.29 14.31
C SER A 6 28.09 -1.59 13.68
N MET A 7 28.30 -0.91 12.56
CA MET A 7 27.19 -0.26 11.85
C MET A 7 26.15 -1.31 11.43
N LYS A 8 24.87 -0.99 11.64
CA LYS A 8 23.78 -1.88 11.31
C LYS A 8 23.20 -1.54 9.94
N LYS A 9 22.43 -2.46 9.38
CA LYS A 9 21.67 -2.22 8.17
C LYS A 9 20.19 -2.33 8.47
N LYS A 10 19.41 -1.50 7.79
CA LYS A 10 17.98 -1.64 7.86
C LYS A 10 17.58 -2.93 7.16
N GLY A 11 16.50 -3.54 7.63
CA GLY A 11 16.04 -4.77 7.04
C GLY A 11 15.26 -4.47 5.79
N SER A 12 14.84 -5.53 5.14
CA SER A 12 13.94 -5.45 4.03
C SER A 12 12.50 -5.30 4.52
N VAL A 13 11.68 -4.71 3.69
CA VAL A 13 10.23 -4.79 3.82
C VAL A 13 9.86 -6.27 3.60
N VAL A 14 8.92 -6.78 4.39
CA VAL A 14 8.54 -8.16 4.31
C VAL A 14 7.02 -8.26 4.09
N ILE A 15 6.61 -9.08 3.12
CA ILE A 15 5.20 -9.39 2.96
C ILE A 15 4.78 -10.32 4.08
N VAL A 16 3.77 -9.90 4.85
CA VAL A 16 3.30 -10.67 6.02
C VAL A 16 1.86 -11.12 5.86
N GLY A 17 1.21 -10.75 4.76
CA GLY A 17 -0.16 -11.17 4.50
C GLY A 17 -0.74 -10.50 3.29
N ARG A 18 -2.05 -10.58 3.14
CA ARG A 18 -2.72 -9.96 1.99
C ARG A 18 -4.14 -9.60 2.36
N ILE A 19 -4.73 -8.69 1.57
CA ILE A 19 -6.14 -8.40 1.64
C ILE A 19 -6.74 -9.18 0.48
N ASN A 20 -7.45 -10.25 0.82
CA ASN A 20 -8.01 -11.15 -0.17
C ASN A 20 -9.25 -10.54 -0.75
N LEU A 21 -9.21 -10.29 -2.06
CA LEU A 21 -10.31 -9.72 -2.81
C LEU A 21 -10.76 -10.67 -3.92
N SER A 22 -10.41 -11.94 -3.79
CA SER A 22 -10.65 -12.92 -4.87
C SER A 22 -12.13 -13.29 -4.98
N GLY A 23 -12.91 -13.09 -3.92
CA GLY A 23 -14.31 -13.52 -3.92
C GLY A 23 -15.32 -12.44 -3.56
N ASP A 24 -16.44 -12.88 -2.99
CA ASP A 24 -17.53 -11.98 -2.59
C ASP A 24 -17.23 -11.21 -1.29
N THR A 25 -16.31 -11.72 -0.49
CA THR A 25 -16.04 -11.17 0.85
C THR A 25 -14.56 -10.80 0.93
N ALA A 26 -14.27 -9.54 1.26
CA ALA A 26 -12.89 -9.11 1.48
C ALA A 26 -12.47 -9.49 2.88
N TYR A 27 -11.26 -10.02 3.03
CA TYR A 27 -10.75 -10.37 4.35
C TYR A 27 -9.23 -10.39 4.37
N ALA A 28 -8.67 -10.02 5.51
CA ALA A 28 -7.24 -10.02 5.71
C ALA A 28 -6.77 -11.44 6.05
N GLN A 29 -5.65 -11.84 5.47
CA GLN A 29 -4.99 -13.09 5.74
C GLN A 29 -3.57 -12.82 6.19
N GLN A 30 -3.11 -13.47 7.25
CA GLN A 30 -1.70 -13.37 7.66
C GLN A 30 -0.98 -14.60 7.14
N THR A 31 0.18 -14.37 6.55
CA THR A 31 0.97 -15.46 5.96
C THR A 31 2.31 -15.68 6.69
N ARG A 32 2.68 -14.73 7.55
CA ARG A 32 3.91 -14.83 8.35
C ARG A 32 3.72 -14.12 9.69
N GLY A 33 4.14 -14.78 10.77
CA GLY A 33 4.11 -14.22 12.12
C GLY A 33 5.37 -13.42 12.44
N GLU A 34 5.42 -12.89 13.65
CA GLU A 34 6.41 -11.87 14.03
C GLU A 34 7.85 -12.35 13.92
N GLU A 35 8.13 -13.54 14.45
CA GLU A 35 9.51 -14.07 14.47
C GLU A 35 9.99 -14.32 13.04
N GLY A 36 9.12 -14.93 12.22
CA GLY A 36 9.43 -15.16 10.82
C GLY A 36 9.64 -13.87 10.07
N CYS A 37 8.81 -12.87 10.37
CA CYS A 37 8.96 -11.57 9.76
C CYS A 37 10.35 -10.98 10.08
N GLN A 38 10.74 -11.04 11.33
CA GLN A 38 12.03 -10.48 11.76
C GLN A 38 13.20 -11.18 11.05
N GLU A 39 13.16 -12.50 11.00
CA GLU A 39 14.21 -13.28 10.33
C GLU A 39 14.31 -12.92 8.83
N THR A 40 13.15 -12.87 8.19
CA THR A 40 13.04 -12.60 6.77
C THR A 40 13.50 -11.17 6.45
N SER A 41 13.26 -10.23 7.36
CA SER A 41 13.69 -8.84 7.15
C SER A 41 15.21 -8.73 7.12
N GLN A 42 15.87 -9.52 7.95
CA GLN A 42 17.32 -9.48 7.99
C GLN A 42 17.98 -10.21 6.80
N THR A 43 17.47 -11.39 6.44
CA THR A 43 18.05 -12.12 5.30
C THR A 43 17.62 -11.53 3.96
N GLY A 44 16.42 -10.96 3.92
CA GLY A 44 15.81 -10.53 2.67
C GLY A 44 15.33 -11.70 1.82
N ARG A 45 15.35 -12.91 2.38
CA ARG A 45 14.95 -14.09 1.63
C ARG A 45 13.60 -14.58 2.10
N ASP A 46 12.61 -14.46 1.23
CA ASP A 46 11.25 -14.85 1.53
C ASP A 46 10.80 -15.86 0.48
N LYS A 47 10.71 -17.13 0.88
CA LYS A 47 10.33 -18.17 -0.04
C LYS A 47 8.82 -18.38 -0.15
N ASN A 48 8.01 -17.63 0.63
CA ASN A 48 6.55 -17.80 0.57
C ASN A 48 6.02 -17.50 -0.82
N GLN A 49 4.98 -18.21 -1.22
CA GLN A 49 4.28 -17.89 -2.46
C GLN A 49 3.44 -16.65 -2.23
N VAL A 50 3.54 -15.70 -3.14
CA VAL A 50 2.73 -14.49 -3.07
C VAL A 50 1.50 -14.71 -3.92
N GLU A 51 0.36 -14.18 -3.47
CA GLU A 51 -0.88 -14.21 -4.24
C GLU A 51 -1.59 -12.87 -4.05
N GLY A 52 -2.36 -12.47 -5.05
CA GLY A 52 -3.26 -11.33 -4.90
C GLY A 52 -2.68 -9.98 -5.27
N GLU A 53 -3.54 -8.97 -5.21
CA GLU A 53 -3.23 -7.60 -5.63
C GLU A 53 -2.74 -6.70 -4.50
N VAL A 54 -3.26 -6.92 -3.30
CA VAL A 54 -2.95 -6.07 -2.15
C VAL A 54 -2.25 -6.89 -1.08
N GLN A 55 -0.99 -6.57 -0.84
CA GLN A 55 -0.20 -7.21 0.19
C GLN A 55 -0.19 -6.40 1.47
N ILE A 56 -0.06 -7.11 2.58
CA ILE A 56 0.24 -6.51 3.87
C ILE A 56 1.74 -6.62 4.10
N VAL A 57 2.39 -5.49 4.38
CA VAL A 57 3.84 -5.44 4.48
C VAL A 57 4.29 -4.83 5.78
N SER A 58 5.47 -5.25 6.26
CA SER A 58 6.02 -4.77 7.52
C SER A 58 7.48 -4.40 7.42
N THR A 59 7.84 -3.36 8.16
CA THR A 59 9.21 -3.07 8.52
C THR A 59 9.35 -3.44 9.99
N ALA A 60 10.47 -3.10 10.62
CA ALA A 60 10.63 -3.36 12.03
C ALA A 60 9.69 -2.49 12.88
N THR A 61 9.18 -1.40 12.31
CA THR A 61 8.42 -0.41 13.08
C THR A 61 7.01 -0.09 12.61
N GLN A 62 6.64 -0.49 11.39
CA GLN A 62 5.34 -0.17 10.82
C GLN A 62 4.82 -1.37 10.04
N THR A 63 3.51 -1.51 10.02
CA THR A 63 2.83 -2.43 9.12
C THR A 63 1.83 -1.62 8.31
N PHE A 64 1.85 -1.85 7.00
CA PHE A 64 1.04 -1.05 6.07
C PHE A 64 0.73 -1.92 4.84
N LEU A 65 0.32 -1.33 3.72
CA LEU A 65 -0.12 -2.10 2.56
C LEU A 65 0.76 -1.79 1.36
N ALA A 66 0.68 -2.66 0.35
CA ALA A 66 1.37 -2.45 -0.91
C ALA A 66 0.48 -3.05 -1.98
N THR A 67 0.38 -2.39 -3.12
CA THR A 67 -0.61 -2.74 -4.16
C THR A 67 0.10 -2.92 -5.48
N SER A 68 -0.18 -4.02 -6.17
CA SER A 68 0.37 -4.24 -7.52
C SER A 68 -0.49 -3.59 -8.60
N ILE A 69 0.14 -2.74 -9.41
CA ILE A 69 -0.51 -2.09 -10.55
C ILE A 69 0.48 -2.10 -11.72
N ASN A 70 0.06 -2.66 -12.83
CA ASN A 70 0.91 -2.82 -14.03
C ASN A 70 2.29 -3.42 -13.75
N GLY A 71 2.31 -4.47 -12.93
CA GLY A 71 3.52 -5.26 -12.70
C GLY A 71 4.53 -4.60 -11.80
N VAL A 72 4.09 -3.59 -11.04
CA VAL A 72 4.90 -2.95 -10.01
C VAL A 72 4.11 -3.04 -8.72
N LEU A 73 4.80 -3.43 -7.64
CA LEU A 73 4.23 -3.40 -6.30
C LEU A 73 4.57 -2.03 -5.69
N TRP A 74 3.54 -1.22 -5.50
CA TRP A 74 3.66 0.15 -5.04
C TRP A 74 3.35 0.31 -3.55
N THR A 75 4.07 1.20 -2.89
CA THR A 75 3.67 1.63 -1.54
C THR A 75 4.17 3.05 -1.28
N VAL A 76 4.03 3.49 -0.03
CA VAL A 76 4.38 4.83 0.34
C VAL A 76 5.83 4.93 0.82
N TYR A 77 6.50 5.99 0.40
CA TYR A 77 7.84 6.30 0.90
C TYR A 77 7.89 6.46 2.43
N HIS A 78 6.86 7.07 3.01
CA HIS A 78 6.89 7.34 4.45
C HIS A 78 6.80 6.07 5.30
N GLY A 79 6.41 4.96 4.68
CA GLY A 79 6.43 3.64 5.31
C GLY A 79 7.68 2.83 4.99
N ALA A 80 7.99 2.72 3.70
CA ALA A 80 9.08 1.86 3.23
C ALA A 80 10.45 2.51 3.17
N GLY A 81 10.50 3.84 3.08
CA GLY A 81 11.77 4.51 2.83
C GLY A 81 12.37 3.96 1.54
N THR A 82 13.68 3.79 1.54
CA THR A 82 14.43 3.29 0.39
C THR A 82 14.69 1.79 0.50
N ARG A 83 13.96 1.12 1.37
CA ARG A 83 14.24 -0.29 1.67
C ARG A 83 14.04 -1.23 0.48
N THR A 84 14.84 -2.28 0.47
CA THR A 84 14.60 -3.44 -0.36
C THR A 84 13.38 -4.20 0.14
N ILE A 85 12.86 -5.08 -0.71
CA ILE A 85 11.80 -5.99 -0.31
C ILE A 85 12.33 -7.42 -0.38
N ALA A 86 11.92 -8.24 0.59
CA ALA A 86 12.34 -9.63 0.63
C ALA A 86 11.67 -10.42 -0.49
N SER A 87 12.41 -11.37 -1.06
CA SER A 87 11.92 -12.16 -2.19
C SER A 87 12.59 -13.53 -2.15
N PRO A 88 12.11 -14.48 -2.97
CA PRO A 88 12.71 -15.82 -2.96
C PRO A 88 14.19 -15.84 -3.31
N LYS A 89 14.66 -14.86 -4.08
CA LYS A 89 16.06 -14.77 -4.51
C LYS A 89 16.89 -13.81 -3.67
N GLY A 90 16.32 -13.26 -2.61
CA GLY A 90 17.03 -12.31 -1.77
C GLY A 90 16.44 -10.92 -1.92
N PRO A 91 17.08 -9.91 -1.30
CA PRO A 91 16.52 -8.57 -1.35
C PRO A 91 16.43 -8.00 -2.77
N VAL A 92 15.31 -7.35 -3.06
CA VAL A 92 15.08 -6.70 -4.33
C VAL A 92 15.06 -5.19 -4.11
N THR A 93 15.91 -4.50 -4.86
CA THR A 93 16.05 -3.04 -4.78
C THR A 93 14.82 -2.37 -5.41
N GLN A 94 14.44 -1.21 -4.86
CA GLN A 94 13.38 -0.43 -5.46
C GLN A 94 13.68 -0.10 -6.92
N MET A 95 12.63 -0.16 -7.71
CA MET A 95 12.64 0.22 -9.12
C MET A 95 12.25 1.69 -9.29
N TYR A 96 11.43 2.17 -8.36
CA TYR A 96 11.01 3.56 -8.30
C TYR A 96 11.09 4.05 -6.87
N THR A 97 11.60 5.27 -6.72
CA THR A 97 11.67 5.95 -5.42
C THR A 97 11.37 7.40 -5.70
N ASN A 98 10.30 7.93 -5.09
CA ASN A 98 9.96 9.33 -5.24
C ASN A 98 9.40 9.93 -3.96
N VAL A 99 10.29 10.51 -3.15
CA VAL A 99 9.93 11.10 -1.89
C VAL A 99 8.90 12.24 -2.06
N ASP A 100 9.01 12.96 -3.17
CA ASP A 100 8.10 14.10 -3.45
C ASP A 100 6.65 13.65 -3.66
N LYS A 101 6.46 12.46 -4.23
CA LYS A 101 5.14 11.88 -4.43
C LYS A 101 4.73 10.97 -3.27
N ASP A 102 5.66 10.71 -2.35
CA ASP A 102 5.47 9.73 -1.28
C ASP A 102 5.23 8.33 -1.83
N LEU A 103 6.03 7.95 -2.82
CA LEU A 103 5.79 6.76 -3.65
C LEU A 103 7.08 5.97 -3.85
N VAL A 104 6.99 4.65 -3.67
CA VAL A 104 8.05 3.74 -4.05
C VAL A 104 7.43 2.53 -4.74
N GLY A 105 8.24 1.84 -5.51
CA GLY A 105 7.79 0.62 -6.16
C GLY A 105 8.92 -0.36 -6.36
N TRP A 106 8.56 -1.64 -6.34
CA TRP A 106 9.44 -2.76 -6.68
C TRP A 106 8.78 -3.57 -7.78
N GLN A 107 9.57 -4.30 -8.54
CA GLN A 107 9.00 -5.25 -9.49
CA GLN A 107 9.00 -5.25 -9.50
C GLN A 107 7.98 -6.13 -8.75
N ALA A 108 6.80 -6.33 -9.33
CA ALA A 108 5.77 -7.13 -8.65
C ALA A 108 6.25 -8.58 -8.46
N PRO A 109 6.08 -9.13 -7.25
CA PRO A 109 6.49 -10.51 -7.00
C PRO A 109 5.80 -11.50 -7.93
N GLN A 110 6.55 -12.49 -8.42
CA GLN A 110 5.96 -13.57 -9.21
C GLN A 110 4.86 -14.22 -8.35
N GLY A 111 3.68 -14.41 -8.94
CA GLY A 111 2.51 -14.94 -8.23
C GLY A 111 1.49 -13.87 -7.89
N SER A 112 1.94 -12.63 -7.72
CA SER A 112 1.02 -11.52 -7.50
C SER A 112 0.14 -11.32 -8.74
N ARG A 113 -1.00 -10.66 -8.54
CA ARG A 113 -1.88 -10.22 -9.61
C ARG A 113 -1.87 -8.69 -9.60
N SER A 114 -1.89 -8.05 -10.76
CA SER A 114 -1.88 -6.60 -10.85
C SER A 114 -3.26 -6.05 -11.21
N LEU A 115 -3.60 -4.92 -10.58
CA LEU A 115 -4.74 -4.12 -10.99
C LEU A 115 -4.33 -3.33 -12.23
N THR A 116 -5.34 -2.89 -12.96
CA THR A 116 -5.17 -2.07 -14.16
C THR A 116 -5.56 -0.63 -13.86
N PRO A 117 -4.76 0.34 -14.34
CA PRO A 117 -5.16 1.72 -14.13
C PRO A 117 -6.53 2.07 -14.71
N CYS A 118 -7.30 2.82 -13.93
CA CYS A 118 -8.63 3.24 -14.31
C CYS A 118 -8.63 4.25 -15.46
N THR A 119 -9.50 4.03 -16.45
CA THR A 119 -9.68 4.97 -17.56
C THR A 119 -11.12 5.53 -17.60
N CYS A 120 -11.89 5.26 -16.55
CA CYS A 120 -13.31 5.60 -16.49
C CYS A 120 -13.58 7.09 -16.28
N GLY A 121 -12.66 7.77 -15.60
CA GLY A 121 -12.81 9.19 -15.27
C GLY A 121 -14.03 9.45 -14.40
N SER A 122 -14.32 8.46 -13.54
CA SER A 122 -15.45 8.39 -12.61
C SER A 122 -15.05 8.91 -11.21
N SER A 123 -16.01 9.44 -10.45
CA SER A 123 -15.72 9.99 -9.11
C SER A 123 -16.30 9.20 -7.92
N ASP A 124 -16.96 8.07 -8.18
CA ASP A 124 -17.45 7.21 -7.10
C ASP A 124 -16.44 6.05 -6.92
N LEU A 125 -15.68 6.13 -5.82
CA LEU A 125 -14.52 5.24 -5.57
C LEU A 125 -14.73 4.39 -4.32
N TYR A 126 -13.82 3.41 -4.15
CA TYR A 126 -13.84 2.51 -3.01
C TYR A 126 -12.42 2.31 -2.47
N LEU A 127 -12.24 2.55 -1.16
CA LEU A 127 -10.94 2.41 -0.50
C LEU A 127 -10.88 1.06 0.22
N VAL A 128 -9.84 0.27 -0.07
CA VAL A 128 -9.60 -0.99 0.59
C VAL A 128 -8.59 -0.81 1.75
N THR A 129 -9.02 -1.12 2.97
CA THR A 129 -8.21 -0.86 4.16
C THR A 129 -7.47 -2.11 4.62
N ARG A 130 -6.55 -1.93 5.57
CA ARG A 130 -5.76 -3.04 6.08
C ARG A 130 -6.61 -4.02 6.91
N HIS A 131 -7.78 -3.56 7.35
CA HIS A 131 -8.73 -4.41 8.04
C HIS A 131 -9.70 -5.08 7.06
N ALA A 132 -9.47 -4.88 5.76
CA ALA A 132 -10.26 -5.49 4.70
C ALA A 132 -11.68 -4.94 4.57
N ASP A 133 -11.89 -3.72 5.03
CA ASP A 133 -13.13 -3.02 4.72
C ASP A 133 -13.02 -2.36 3.35
N VAL A 134 -14.16 -2.24 2.66
CA VAL A 134 -14.22 -1.57 1.36
C VAL A 134 -15.17 -0.39 1.57
N ILE A 135 -14.59 0.81 1.67
CA ILE A 135 -15.29 2.02 2.10
C ILE A 135 -15.52 2.93 0.91
N PRO A 136 -16.77 3.33 0.64
CA PRO A 136 -17.01 4.30 -0.42
C PRO A 136 -16.35 5.65 -0.17
N VAL A 137 -15.76 6.19 -1.22
CA VAL A 137 -15.09 7.47 -1.18
C VAL A 137 -15.52 8.26 -2.41
N ARG A 138 -16.09 9.44 -2.21
CA ARG A 138 -16.39 10.34 -3.32
C ARG A 138 -15.12 11.11 -3.68
N ARG A 139 -14.69 11.03 -4.94
CA ARG A 139 -13.53 11.78 -5.36
C ARG A 139 -13.80 13.29 -5.30
N ARG A 140 -12.86 14.03 -4.72
CA ARG A 140 -12.99 15.46 -4.50
C ARG A 140 -11.93 16.31 -5.17
N GLY A 141 -10.90 15.67 -5.69
CA GLY A 141 -9.87 16.35 -6.47
C GLY A 141 -8.94 15.31 -7.05
N ASP A 142 -7.84 15.75 -7.65
CA ASP A 142 -6.87 14.82 -8.19
C ASP A 142 -6.33 13.84 -7.12
N SER A 143 -6.20 14.32 -5.89
CA SER A 143 -5.56 13.53 -4.82
C SER A 143 -6.38 13.46 -3.53
N ARG A 144 -7.65 13.86 -3.58
CA ARG A 144 -8.49 13.92 -2.38
C ARG A 144 -9.82 13.22 -2.61
N GLY A 145 -10.31 12.55 -1.57
CA GLY A 145 -11.65 12.01 -1.59
C GLY A 145 -12.27 12.14 -0.22
N SER A 146 -13.60 12.14 -0.18
CA SER A 146 -14.31 12.27 1.06
C SER A 146 -14.89 10.92 1.47
N LEU A 147 -14.85 10.65 2.76
CA LEU A 147 -15.48 9.47 3.33
C LEU A 147 -16.94 9.77 3.54
N LEU A 148 -17.78 8.82 3.14
CA LEU A 148 -19.21 9.00 3.27
C LEU A 148 -19.60 8.92 4.75
N SER A 149 -18.86 8.12 5.51
CA SER A 149 -18.97 8.06 6.96
C SER A 149 -17.62 8.33 7.59
N PRO A 150 -17.50 9.40 8.41
CA PRO A 150 -16.22 9.66 9.08
C PRO A 150 -15.76 8.52 9.99
N ARG A 151 -14.44 8.43 10.14
CA ARG A 151 -13.79 7.39 10.97
C ARG A 151 -12.73 8.07 11.82
N PRO A 152 -12.46 7.54 13.02
CA PRO A 152 -11.29 8.04 13.74
C PRO A 152 -10.01 7.70 12.97
N ILE A 153 -8.97 8.52 13.13
CA ILE A 153 -7.73 8.27 12.37
C ILE A 153 -7.13 6.90 12.69
N SER A 154 -7.30 6.45 13.93
CA SER A 154 -6.85 5.11 14.36
C SER A 154 -7.24 4.03 13.36
N TYR A 155 -8.42 4.20 12.76
CA TYR A 155 -8.96 3.19 11.86
C TYR A 155 -8.17 3.11 10.56
N LEU A 156 -7.66 4.24 10.10
CA LEU A 156 -6.97 4.32 8.81
C LEU A 156 -5.45 4.09 8.93
N LYS A 157 -4.91 4.17 10.15
CA LYS A 157 -3.48 3.95 10.36
C LYS A 157 -3.13 2.52 9.95
N GLY A 158 -2.12 2.39 9.10
CA GLY A 158 -1.70 1.10 8.61
C GLY A 158 -2.30 0.74 7.27
N SER A 159 -3.14 1.62 6.71
CA SER A 159 -3.73 1.38 5.40
C SER A 159 -3.02 2.09 4.24
N ALA A 160 -2.08 2.98 4.53
CA ALA A 160 -1.33 3.62 3.43
C ALA A 160 -0.68 2.54 2.56
N GLY A 161 -0.69 2.77 1.24
CA GLY A 161 -0.22 1.80 0.27
C GLY A 161 -1.33 0.97 -0.36
N GLY A 162 -2.52 1.01 0.23
CA GLY A 162 -3.69 0.33 -0.28
C GLY A 162 -4.35 1.12 -1.41
N PRO A 163 -5.25 0.46 -2.16
CA PRO A 163 -5.82 1.06 -3.35
C PRO A 163 -7.14 1.76 -3.13
N LEU A 164 -7.37 2.81 -3.91
CA LEU A 164 -8.71 3.28 -4.23
C LEU A 164 -9.08 2.69 -5.59
N LEU A 165 -10.28 2.10 -5.69
CA LEU A 165 -10.75 1.40 -6.89
C LEU A 165 -11.98 2.11 -7.45
N CYS A 166 -12.20 2.01 -8.77
CA CYS A 166 -13.45 2.48 -9.38
C CYS A 166 -14.51 1.37 -9.28
N PRO A 167 -15.77 1.67 -9.69
CA PRO A 167 -16.79 0.61 -9.65
C PRO A 167 -16.47 -0.64 -10.48
N ALA A 168 -15.64 -0.49 -11.52
CA ALA A 168 -15.24 -1.60 -12.38
C ALA A 168 -14.00 -2.33 -11.84
N GLY A 169 -13.49 -1.90 -10.68
CA GLY A 169 -12.39 -2.58 -10.03
C GLY A 169 -11.01 -2.19 -10.55
N HIS A 170 -10.93 -1.08 -11.27
CA HIS A 170 -9.62 -0.58 -11.73
C HIS A 170 -8.95 0.23 -10.61
N ALA A 171 -7.64 0.34 -10.67
CA ALA A 171 -6.89 1.14 -9.68
C ALA A 171 -7.00 2.63 -10.02
N VAL A 172 -7.54 3.43 -9.09
CA VAL A 172 -7.61 4.88 -9.24
C VAL A 172 -6.49 5.61 -8.48
N GLY A 173 -5.97 4.99 -7.42
CA GLY A 173 -4.92 5.63 -6.64
C GLY A 173 -4.44 4.77 -5.50
N ILE A 174 -3.38 5.25 -4.84
CA ILE A 174 -2.79 4.63 -3.66
C ILE A 174 -3.03 5.56 -2.46
N PHE A 175 -3.72 5.06 -1.44
CA PHE A 175 -4.00 5.84 -0.22
C PHE A 175 -2.68 6.15 0.51
N ARG A 176 -2.52 7.39 0.96
CA ARG A 176 -1.31 7.74 1.72
C ARG A 176 -1.54 8.43 3.06
N ALA A 177 -2.60 9.22 3.22
CA ALA A 177 -2.79 10.00 4.43
C ALA A 177 -4.25 10.34 4.71
N ALA A 178 -4.64 10.25 5.97
CA ALA A 178 -5.96 10.70 6.41
C ALA A 178 -5.95 12.22 6.49
N VAL A 179 -7.10 12.83 6.23
CA VAL A 179 -7.29 14.25 6.42
C VAL A 179 -8.18 14.37 7.63
N SER A 180 -7.60 14.82 8.74
CA SER A 180 -8.18 14.65 10.06
C SER A 180 -8.39 15.99 10.77
N THR A 181 -9.49 16.08 11.51
CA THR A 181 -9.77 17.20 12.38
C THR A 181 -10.10 16.66 13.77
N ARG A 182 -9.30 17.00 14.77
CA ARG A 182 -9.55 16.56 16.14
C ARG A 182 -9.71 15.02 16.21
N GLY A 183 -8.90 14.32 15.42
CA GLY A 183 -8.84 12.87 15.45
C GLY A 183 -9.83 12.16 14.52
N VAL A 184 -10.68 12.94 13.86
CA VAL A 184 -11.71 12.38 12.98
C VAL A 184 -11.35 12.60 11.52
N ALA A 185 -11.24 11.50 10.77
CA ALA A 185 -10.96 11.55 9.34
C ALA A 185 -12.26 11.68 8.57
N LYS A 186 -12.42 12.80 7.89
CA LYS A 186 -13.55 12.99 7.00
C LYS A 186 -13.16 12.80 5.55
N ALA A 187 -11.85 12.75 5.29
CA ALA A 187 -11.35 12.66 3.93
C ALA A 187 -9.99 11.97 3.90
N VAL A 188 -9.55 11.66 2.69
CA VAL A 188 -8.32 10.94 2.44
C VAL A 188 -7.52 11.60 1.33
N ASP A 189 -6.21 11.50 1.46
CA ASP A 189 -5.26 11.95 0.48
C ASP A 189 -4.64 10.72 -0.15
N PHE A 190 -4.57 10.73 -1.47
CA PHE A 190 -4.04 9.59 -2.20
C PHE A 190 -3.18 10.02 -3.38
N ILE A 191 -2.38 9.08 -3.86
CA ILE A 191 -1.51 9.29 -5.01
C ILE A 191 -2.30 8.79 -6.23
N PRO A 192 -2.66 9.68 -7.15
CA PRO A 192 -3.48 9.22 -8.29
C PRO A 192 -2.72 8.26 -9.21
N VAL A 193 -3.44 7.33 -9.79
CA VAL A 193 -2.81 6.32 -10.62
C VAL A 193 -2.08 6.95 -11.81
N GLU A 194 -2.55 8.10 -12.28
CA GLU A 194 -1.88 8.78 -13.40
C GLU A 194 -0.45 9.14 -13.06
N SER A 195 -0.19 9.42 -11.78
CA SER A 195 1.14 9.74 -11.32
C SER A 195 2.05 8.49 -11.36
N LEU A 196 1.49 7.33 -11.04
CA LEU A 196 2.19 6.07 -11.18
C LEU A 196 2.49 5.81 -12.67
N GLU A 197 1.52 6.11 -13.52
CA GLU A 197 1.65 5.87 -14.95
C GLU A 197 2.75 6.73 -15.54
N THR A 198 2.83 8.00 -15.13
CA THR A 198 3.93 8.87 -15.53
C THR A 198 5.28 8.34 -15.06
N THR A 199 5.34 7.95 -13.80
CA THR A 199 6.55 7.33 -13.23
C THR A 199 7.05 6.12 -14.08
N MET A 200 6.12 5.30 -14.56
CA MET A 200 6.44 4.11 -15.37
C MET A 200 6.88 4.40 -16.81
N ARG A 201 6.58 5.59 -17.31
CA ARG A 201 6.80 5.90 -18.72
C ARG A 201 7.75 7.08 -18.90
C ACE B 1 -9.43 22.68 13.52
O ACE B 1 -10.41 22.62 12.76
CH3 ACE B 1 -9.56 22.37 14.98
N GLN B 2 -8.18 22.69 13.05
CA GLN B 2 -7.88 22.81 11.63
C GLN B 2 -7.48 21.45 11.09
N GLU B 3 -7.93 21.14 9.87
CA GLU B 3 -7.65 19.83 9.27
C GLU B 3 -6.16 19.69 8.99
N ARG B 4 -5.64 18.49 9.22
CA ARG B 4 -4.23 18.20 8.94
C ARG B 4 -4.14 16.85 8.26
N GLU B 5 -3.08 16.65 7.48
CA GLU B 5 -2.77 15.36 6.90
C GLU B 5 -2.02 14.52 7.93
N VAL B 6 -2.48 13.30 8.10
CA VAL B 6 -1.83 12.34 8.98
C VAL B 6 -1.41 11.14 8.12
N PRO B 7 -0.10 11.00 7.88
CA PRO B 7 0.33 9.84 7.09
C PRO B 7 -0.05 8.53 7.77
N CYS B 8 -0.54 7.59 6.98
CA CYS B 8 -1.13 6.34 7.51
C CYS B 8 -0.30 5.13 7.16
S SO4 C . -6.94 -17.56 6.61
O1 SO4 C . -6.51 -18.94 6.90
O2 SO4 C . -7.87 -17.10 7.65
O3 SO4 C . -5.76 -16.71 6.56
O4 SO4 C . -7.60 -17.55 5.31
S SO4 D . 13.90 -2.13 9.59
O1 SO4 D . 14.94 -1.97 10.62
O2 SO4 D . 12.71 -1.37 9.95
O3 SO4 D . 14.42 -1.66 8.31
O4 SO4 D . 13.56 -3.55 9.48
ZN ZN E . -12.36 2.45 -13.94
#